data_7PC4
#
_entry.id   7PC4
#
_cell.length_a   54.270
_cell.length_b   61.730
_cell.length_c   145.250
_cell.angle_alpha   90.000
_cell.angle_beta   90.000
_cell.angle_gamma   90.000
#
_symmetry.space_group_name_H-M   'P 21 21 21'
#
loop_
_entity.id
_entity.type
_entity.pdbx_description
1 polymer 'Beta-1-syntrophin,Annexin A2'
2 polymer 'Protein Tax-1'
3 non-polymer 'CALCIUM ION'
4 non-polymer 1,2-ETHANEDIOL
5 water water
#
loop_
_entity_poly.entity_id
_entity_poly.type
_entity_poly.pdbx_seq_one_letter_code
_entity_poly.pdbx_strand_id
1 'polypeptide(L)'
;GSHMGSNQKRGVKVLKQELGGLGISIKGGKENKMPILISKIFKGLAADQTQALYVGDAILSVNGADLRDATHDEAVQALK
RAGKEVLLEVKYMREGSAYGSVKAYTNFDAERDALNIETAIKTKGVDEVTIVNILTNRSNEQRQDIAFAYQRRTKKELAS
ALKSALSGHLETVILGLLKTPAQYDASELKASMKGLGTDEDSLIEIICSRTNQELQEINRVYKEMYKTDLEKDIISDTSG
DFRKLMVALAKGRRAEDGSVIDYELIDQDARDLYDAGVKRKGTDVPKWISIMTERSVPHLQKVFDRYKSYSPYDMLESIR
KEVKGDLENAFLNLVQCIQNKPLYFADRLYDSMKGKGTRDKVLIRIMVSRSEVDMLKIRSEFKRKYGKSLYYYIQQDTKG
DYQKALLYLCGGDD
;
A
2 'polypeptide(L)' SEKHFRETEV C
#
loop_
_chem_comp.id
_chem_comp.type
_chem_comp.name
_chem_comp.formula
CA non-polymer 'CALCIUM ION' 'Ca 2'
EDO non-polymer 1,2-ETHANEDIOL 'C2 H6 O2'
#
# COMPACT_ATOMS: atom_id res chain seq x y z
N GLN A 8 -3.93 19.77 7.09
CA GLN A 8 -4.34 21.17 7.10
C GLN A 8 -5.58 21.36 7.97
N LYS A 9 -5.51 22.35 8.87
CA LYS A 9 -6.59 22.61 9.81
C LYS A 9 -7.70 23.39 9.13
N ARG A 10 -8.94 22.95 9.33
CA ARG A 10 -10.09 23.56 8.68
C ARG A 10 -11.24 23.65 9.66
N GLY A 11 -12.22 24.48 9.34
CA GLY A 11 -13.35 24.75 10.21
C GLY A 11 -14.67 24.34 9.58
N VAL A 12 -15.54 23.74 10.38
CA VAL A 12 -16.86 23.30 9.95
C VAL A 12 -17.88 23.78 10.97
N LYS A 13 -19.01 24.29 10.48
CA LYS A 13 -20.09 24.78 11.34
C LYS A 13 -21.25 23.80 11.31
N VAL A 14 -21.53 23.19 12.46
CA VAL A 14 -22.61 22.23 12.61
C VAL A 14 -23.73 22.86 13.43
N LEU A 15 -24.97 22.61 13.01
CA LEU A 15 -26.14 23.08 13.75
C LEU A 15 -26.78 21.89 14.44
N LYS A 16 -26.63 21.83 15.76
CA LYS A 16 -27.15 20.69 16.53
C LYS A 16 -28.63 20.51 16.31
N GLN A 17 -29.03 19.25 16.21
CA GLN A 17 -30.44 18.86 16.19
C GLN A 17 -30.74 18.09 17.47
N GLU A 18 -31.98 18.25 17.96
CA GLU A 18 -32.32 17.64 19.24
C GLU A 18 -32.26 16.12 19.21
N LEU A 19 -32.24 15.52 18.03
CA LEU A 19 -32.07 14.08 17.89
C LEU A 19 -30.65 13.81 17.41
N GLY A 20 -29.85 13.19 18.27
CA GLY A 20 -28.47 12.87 17.97
C GLY A 20 -27.48 13.98 18.26
N GLY A 21 -27.93 15.17 18.59
CA GLY A 21 -27.03 16.29 18.83
C GLY A 21 -26.22 16.64 17.61
N LEU A 22 -24.90 16.43 17.70
CA LEU A 22 -24.06 16.58 16.53
C LEU A 22 -24.22 15.43 15.55
N GLY A 23 -24.67 14.27 16.03
CA GLY A 23 -24.81 13.11 15.18
C GLY A 23 -23.52 12.37 14.89
N ILE A 24 -22.61 12.31 15.86
CA ILE A 24 -21.33 11.64 15.70
C ILE A 24 -21.01 10.84 16.96
N SER A 25 -20.00 9.98 16.83
CA SER A 25 -19.34 9.34 17.96
C SER A 25 -17.87 9.70 17.92
N ILE A 26 -17.23 9.73 19.08
CA ILE A 26 -15.84 10.13 19.21
C ILE A 26 -15.08 9.07 19.99
N LYS A 27 -13.77 8.98 19.70
CA LYS A 27 -12.85 8.14 20.45
C LYS A 27 -11.61 8.95 20.80
N GLY A 28 -10.83 8.45 21.75
CA GLY A 28 -9.56 9.07 22.06
C GLY A 28 -9.51 9.81 23.37
N GLY A 29 -8.61 10.78 23.47
CA GLY A 29 -8.36 11.51 24.69
C GLY A 29 -6.94 11.26 25.18
N LYS A 30 -6.39 12.24 25.90
CA LYS A 30 -5.03 12.09 26.41
C LYS A 30 -4.90 10.93 27.39
N GLU A 31 -6.03 10.46 27.93
CA GLU A 31 -6.03 9.24 28.73
C GLU A 31 -5.57 8.02 27.94
N ASN A 32 -5.73 8.04 26.61
CA ASN A 32 -5.35 6.93 25.76
C ASN A 32 -4.27 7.31 24.75
N LYS A 33 -3.56 8.42 24.99
CA LYS A 33 -2.47 8.88 24.12
C LYS A 33 -2.97 9.14 22.70
N MET A 34 -4.24 9.48 22.57
CA MET A 34 -4.88 9.75 21.28
C MET A 34 -5.56 11.11 21.31
N PRO A 35 -5.70 11.75 20.16
CA PRO A 35 -6.52 12.96 20.07
C PRO A 35 -8.00 12.57 20.09
N ILE A 36 -8.85 13.58 20.02
CA ILE A 36 -10.29 13.37 19.95
C ILE A 36 -10.66 13.19 18.48
N LEU A 37 -10.99 11.96 18.11
CA LEU A 37 -11.20 11.59 16.72
C LEU A 37 -12.65 11.19 16.49
N ILE A 38 -13.19 11.60 15.35
CA ILE A 38 -14.57 11.28 14.98
C ILE A 38 -14.64 9.79 14.65
N SER A 39 -15.34 9.02 15.48
CA SER A 39 -15.45 7.59 15.25
C SER A 39 -16.53 7.28 14.22
N LYS A 40 -17.72 7.84 14.39
CA LYS A 40 -18.84 7.58 13.51
C LYS A 40 -19.50 8.89 13.11
N ILE A 41 -20.17 8.86 11.96
CA ILE A 41 -20.97 9.98 11.46
C ILE A 41 -22.33 9.41 11.09
N PHE A 42 -23.34 9.68 11.90
CA PHE A 42 -24.63 9.03 11.73
C PHE A 42 -25.36 9.55 10.50
N LYS A 43 -25.89 8.62 9.71
CA LYS A 43 -26.57 8.96 8.47
C LYS A 43 -27.77 9.86 8.73
N GLY A 44 -27.87 10.94 7.96
CA GLY A 44 -29.04 11.80 7.99
C GLY A 44 -29.13 12.72 9.19
N LEU A 45 -28.07 12.88 9.96
CA LEU A 45 -28.08 13.74 11.13
C LEU A 45 -27.22 14.97 10.88
N ALA A 46 -27.02 15.78 11.93
CA ALA A 46 -26.48 17.13 11.78
C ALA A 46 -25.13 17.12 11.08
N ALA A 47 -24.19 16.32 11.55
CA ALA A 47 -22.87 16.31 10.94
C ALA A 47 -22.89 15.71 9.54
N ASP A 48 -23.76 14.74 9.30
CA ASP A 48 -23.85 14.15 7.96
C ASP A 48 -24.35 15.15 6.94
N GLN A 49 -25.19 16.10 7.36
CA GLN A 49 -25.77 17.06 6.43
C GLN A 49 -24.75 18.12 6.00
N THR A 50 -23.76 18.42 6.85
CA THR A 50 -22.72 19.36 6.44
C THR A 50 -21.83 18.77 5.35
N GLN A 51 -21.59 17.45 5.40
CA GLN A 51 -20.74 16.76 4.43
C GLN A 51 -19.35 17.36 4.35
N ALA A 52 -18.90 17.99 5.43
CA ALA A 52 -17.56 18.53 5.54
C ALA A 52 -16.72 17.79 6.58
N LEU A 53 -17.28 16.74 7.20
CA LEU A 53 -16.60 15.97 8.23
C LEU A 53 -16.40 14.54 7.76
N TYR A 54 -15.27 13.96 8.14
CA TYR A 54 -14.95 12.59 7.78
C TYR A 54 -14.52 11.82 9.02
N VAL A 55 -14.72 10.50 8.99
CA VAL A 55 -14.21 9.65 10.05
C VAL A 55 -12.69 9.69 10.03
N GLY A 56 -12.09 9.70 11.22
CA GLY A 56 -10.67 9.89 11.36
C GLY A 56 -10.23 11.32 11.55
N ASP A 57 -11.17 12.26 11.56
CA ASP A 57 -10.86 13.66 11.80
C ASP A 57 -10.63 13.92 13.28
N ALA A 58 -9.64 14.76 13.57
CA ALA A 58 -9.33 15.15 14.94
C ALA A 58 -9.98 16.50 15.25
N ILE A 59 -10.75 16.55 16.33
CA ILE A 59 -11.40 17.78 16.76
C ILE A 59 -10.43 18.52 17.66
N LEU A 60 -9.93 19.67 17.19
CA LEU A 60 -8.98 20.44 17.97
C LEU A 60 -9.65 21.49 18.84
N SER A 61 -10.70 22.14 18.35
CA SER A 61 -11.40 23.17 19.09
C SER A 61 -12.90 23.05 18.83
N VAL A 62 -13.67 23.59 19.76
CA VAL A 62 -15.13 23.68 19.65
C VAL A 62 -15.55 25.02 20.25
N ASN A 63 -15.94 25.96 19.40
CA ASN A 63 -16.34 27.31 19.83
C ASN A 63 -15.27 27.94 20.71
N GLY A 64 -14.01 27.78 20.31
CA GLY A 64 -12.88 28.37 21.00
C GLY A 64 -12.19 27.47 22.01
N ALA A 65 -12.93 26.53 22.60
CA ALA A 65 -12.37 25.66 23.63
C ALA A 65 -11.43 24.63 23.00
N ASP A 66 -10.16 24.68 23.40
CA ASP A 66 -9.16 23.77 22.86
C ASP A 66 -9.42 22.33 23.33
N LEU A 67 -9.05 21.37 22.47
CA LEU A 67 -9.22 19.96 22.80
C LEU A 67 -8.00 19.11 22.49
N ARG A 68 -6.85 19.71 22.17
CA ARG A 68 -5.69 18.93 21.75
C ARG A 68 -5.15 18.05 22.87
N ASP A 69 -5.21 18.53 24.11
CA ASP A 69 -4.78 17.75 25.25
C ASP A 69 -5.94 17.51 26.20
N ALA A 70 -7.09 17.14 25.67
CA ALA A 70 -8.28 16.90 26.47
C ALA A 70 -8.54 15.41 26.61
N THR A 71 -8.96 15.00 27.80
CA THR A 71 -9.38 13.61 28.01
C THR A 71 -10.70 13.36 27.30
N HIS A 72 -11.11 12.10 27.27
CA HIS A 72 -12.35 11.73 26.59
C HIS A 72 -13.54 12.43 27.22
N ASP A 73 -13.64 12.38 28.56
CA ASP A 73 -14.76 13.02 29.24
C ASP A 73 -14.73 14.53 29.06
N GLU A 74 -13.53 15.12 29.11
CA GLU A 74 -13.42 16.56 28.88
C GLU A 74 -13.96 16.94 27.52
N ALA A 75 -13.65 16.13 26.50
CA ALA A 75 -14.15 16.43 25.16
C ALA A 75 -15.65 16.19 25.06
N VAL A 76 -16.16 15.16 25.74
CA VAL A 76 -17.60 14.89 25.71
C VAL A 76 -18.37 16.04 26.33
N GLN A 77 -17.96 16.48 27.53
CA GLN A 77 -18.63 17.60 28.18
C GLN A 77 -18.57 18.86 27.31
N ALA A 78 -17.46 19.06 26.60
CA ALA A 78 -17.32 20.25 25.78
C ALA A 78 -18.23 20.20 24.56
N LEU A 79 -18.31 19.03 23.89
CA LEU A 79 -19.16 18.90 22.72
C LEU A 79 -20.64 18.85 23.10
N LYS A 80 -20.95 18.28 24.26
CA LYS A 80 -22.34 18.16 24.67
C LYS A 80 -22.90 19.49 25.17
N ARG A 81 -22.07 20.34 25.77
CA ARG A 81 -22.54 21.58 26.36
C ARG A 81 -22.54 22.75 25.39
N ALA A 82 -21.97 22.58 24.21
CA ALA A 82 -21.99 23.66 23.22
C ALA A 82 -23.42 23.92 22.76
N GLY A 83 -23.67 25.16 22.36
CA GLY A 83 -24.97 25.56 21.88
C GLY A 83 -25.32 24.86 20.58
N LYS A 84 -26.47 25.26 20.02
CA LYS A 84 -26.92 24.69 18.76
C LYS A 84 -25.96 25.01 17.62
N GLU A 85 -25.46 26.24 17.55
CA GLU A 85 -24.50 26.64 16.52
C GLU A 85 -23.09 26.31 17.02
N VAL A 86 -22.46 25.33 16.39
CA VAL A 86 -21.17 24.81 16.81
C VAL A 86 -20.14 25.08 15.71
N LEU A 87 -18.99 25.61 16.10
CA LEU A 87 -17.86 25.77 15.20
C LEU A 87 -16.75 24.83 15.65
N LEU A 88 -16.36 23.90 14.78
CA LEU A 88 -15.36 22.89 15.09
C LEU A 88 -14.11 23.13 14.26
N GLU A 89 -12.96 23.19 14.93
CA GLU A 89 -11.67 23.15 14.24
C GLU A 89 -11.25 21.70 14.08
N VAL A 90 -11.09 21.26 12.83
CA VAL A 90 -10.96 19.86 12.49
C VAL A 90 -9.78 19.66 11.54
N LYS A 91 -9.00 18.61 11.78
CA LYS A 91 -7.86 18.26 10.94
C LYS A 91 -7.81 16.75 10.76
N TYR A 92 -7.62 16.31 9.51
CA TYR A 92 -7.54 14.88 9.20
C TYR A 92 -6.20 14.33 9.66
N MET A 93 -6.22 13.55 10.75
CA MET A 93 -5.01 12.98 11.31
C MET A 93 -4.75 11.55 10.86
N ARG A 94 -5.44 11.10 9.81
CA ARG A 94 -5.22 9.77 9.25
C ARG A 94 -4.10 9.84 8.21
N GLU A 95 -3.16 8.90 8.29
CA GLU A 95 -2.03 8.89 7.38
C GLU A 95 -2.44 8.35 6.01
N GLY A 96 -1.74 8.82 4.98
CA GLY A 96 -1.99 8.36 3.64
C GLY A 96 -0.80 8.65 2.75
N SER A 97 -1.02 8.55 1.44
CA SER A 97 0.02 8.84 0.45
C SER A 97 -0.52 9.81 -0.57
N ALA A 98 0.22 10.88 -0.82
CA ALA A 98 -0.18 11.89 -1.78
C ALA A 98 0.18 11.52 -3.21
N TYR A 99 0.92 10.42 -3.41
CA TYR A 99 1.43 10.06 -4.74
C TYR A 99 0.77 8.80 -5.31
N GLY A 100 -0.32 8.33 -4.70
CA GLY A 100 -1.12 7.29 -5.32
C GLY A 100 -2.03 7.85 -6.39
N SER A 101 -2.39 6.98 -7.35
CA SER A 101 -3.28 7.39 -8.43
C SER A 101 -4.75 7.24 -8.08
N VAL A 102 -5.09 6.29 -7.22
CA VAL A 102 -6.47 6.05 -6.82
C VAL A 102 -6.75 6.85 -5.55
N LYS A 103 -7.63 7.85 -5.65
CA LYS A 103 -8.02 8.66 -4.52
C LYS A 103 -9.41 8.23 -4.04
N ALA A 104 -9.80 8.74 -2.88
CA ALA A 104 -11.10 8.39 -2.33
C ALA A 104 -12.20 9.10 -3.09
N TYR A 105 -13.28 8.37 -3.35
CA TYR A 105 -14.44 8.91 -4.04
C TYR A 105 -15.17 9.89 -3.13
N THR A 106 -15.67 10.97 -3.73
CA THR A 106 -16.27 12.07 -2.98
C THR A 106 -17.77 11.92 -2.80
N ASN A 107 -18.40 10.95 -3.43
CA ASN A 107 -19.83 10.72 -3.26
C ASN A 107 -20.08 9.30 -2.79
N PHE A 108 -19.32 8.87 -1.78
CA PHE A 108 -19.29 7.47 -1.41
C PHE A 108 -20.51 7.11 -0.56
N ASP A 109 -21.28 6.13 -1.05
CA ASP A 109 -22.34 5.48 -0.30
C ASP A 109 -22.12 3.99 -0.45
N ALA A 110 -21.64 3.34 0.62
CA ALA A 110 -21.31 1.93 0.55
C ALA A 110 -22.53 1.08 0.24
N GLU A 111 -23.69 1.43 0.82
CA GLU A 111 -24.89 0.66 0.55
C GLU A 111 -25.34 0.81 -0.90
N ARG A 112 -25.29 2.02 -1.43
CA ARG A 112 -25.70 2.24 -2.82
C ARG A 112 -24.77 1.50 -3.78
N ASP A 113 -23.45 1.60 -3.56
CA ASP A 113 -22.51 0.87 -4.41
C ASP A 113 -22.70 -0.64 -4.27
N ALA A 114 -23.02 -1.12 -3.06
CA ALA A 114 -23.25 -2.55 -2.89
C ALA A 114 -24.45 -3.02 -3.69
N LEU A 115 -25.54 -2.25 -3.66
CA LEU A 115 -26.73 -2.61 -4.43
C LEU A 115 -26.45 -2.55 -5.93
N ASN A 116 -25.78 -1.48 -6.39
CA ASN A 116 -25.50 -1.35 -7.81
C ASN A 116 -24.61 -2.47 -8.31
N ILE A 117 -23.70 -2.97 -7.46
CA ILE A 117 -22.85 -4.08 -7.85
C ILE A 117 -23.66 -5.37 -7.91
N GLU A 118 -24.55 -5.58 -6.94
CA GLU A 118 -25.41 -6.76 -6.96
C GLU A 118 -26.27 -6.78 -8.22
N THR A 119 -26.83 -5.64 -8.60
CA THR A 119 -27.62 -5.59 -9.83
C THR A 119 -26.74 -5.85 -11.06
N ALA A 120 -25.51 -5.34 -11.04
CA ALA A 120 -24.60 -5.55 -12.17
C ALA A 120 -24.16 -7.01 -12.26
N ILE A 121 -24.01 -7.69 -11.12
CA ILE A 121 -23.68 -9.11 -11.15
C ILE A 121 -24.83 -9.92 -11.74
N LYS A 122 -26.06 -9.57 -11.36
CA LYS A 122 -27.26 -10.30 -11.80
C LYS A 122 -27.81 -9.80 -13.13
N THR A 123 -27.30 -8.70 -13.66
CA THR A 123 -27.73 -8.24 -14.98
C THR A 123 -27.34 -9.26 -16.04
N LYS A 124 -28.24 -9.46 -17.00
CA LYS A 124 -28.01 -10.44 -18.07
C LYS A 124 -26.67 -10.23 -18.73
N GLY A 125 -25.80 -11.24 -18.65
CA GLY A 125 -24.47 -11.17 -19.21
C GLY A 125 -23.42 -10.54 -18.32
N VAL A 126 -23.80 -10.08 -17.12
CA VAL A 126 -22.92 -9.43 -16.16
C VAL A 126 -22.44 -8.09 -16.70
N ASP A 127 -22.79 -7.01 -16.01
CA ASP A 127 -22.36 -5.66 -16.40
C ASP A 127 -20.98 -5.40 -15.78
N GLU A 128 -19.94 -5.84 -16.47
CA GLU A 128 -18.58 -5.61 -15.99
C GLU A 128 -18.22 -4.13 -15.98
N VAL A 129 -18.87 -3.33 -16.84
CA VAL A 129 -18.50 -1.91 -16.97
C VAL A 129 -18.77 -1.16 -15.67
N THR A 130 -19.93 -1.41 -15.05
CA THR A 130 -20.23 -0.71 -13.80
C THR A 130 -19.43 -1.29 -12.64
N ILE A 131 -19.18 -2.61 -12.65
CA ILE A 131 -18.34 -3.21 -11.62
C ILE A 131 -16.95 -2.59 -11.64
N VAL A 132 -16.37 -2.43 -12.84
CA VAL A 132 -15.06 -1.81 -12.95
C VAL A 132 -15.13 -0.32 -12.63
N ASN A 133 -16.15 0.36 -13.15
CA ASN A 133 -16.23 1.81 -12.97
C ASN A 133 -16.47 2.20 -11.53
N ILE A 134 -16.97 1.27 -10.71
CA ILE A 134 -17.11 1.52 -9.27
C ILE A 134 -15.82 1.15 -8.57
N LEU A 135 -15.46 -0.14 -8.64
CA LEU A 135 -14.40 -0.65 -7.77
C LEU A 135 -13.04 -0.02 -8.07
N THR A 136 -12.74 0.27 -9.34
CA THR A 136 -11.45 0.88 -9.63
C THR A 136 -11.45 2.39 -9.42
N ASN A 137 -12.56 2.97 -8.96
CA ASN A 137 -12.66 4.39 -8.62
C ASN A 137 -13.08 4.58 -7.16
N ARG A 138 -12.69 3.63 -6.31
CA ARG A 138 -12.86 3.72 -4.86
C ARG A 138 -11.53 3.38 -4.22
N SER A 139 -11.27 3.98 -3.04
CA SER A 139 -10.08 3.62 -2.30
C SER A 139 -10.22 2.20 -1.76
N ASN A 140 -9.12 1.68 -1.21
CA ASN A 140 -9.15 0.30 -0.73
C ASN A 140 -10.06 0.16 0.48
N GLU A 141 -10.01 1.11 1.41
CA GLU A 141 -10.91 1.01 2.56
C GLU A 141 -12.36 1.29 2.17
N GLN A 142 -12.59 2.09 1.13
CA GLN A 142 -13.95 2.21 0.61
C GLN A 142 -14.43 0.88 0.03
N ARG A 143 -13.52 0.13 -0.60
CA ARG A 143 -13.90 -1.21 -1.06
C ARG A 143 -14.21 -2.14 0.10
N GLN A 144 -13.53 -1.96 1.23
CA GLN A 144 -13.85 -2.77 2.41
C GLN A 144 -15.26 -2.47 2.90
N ASP A 145 -15.65 -1.19 2.91
CA ASP A 145 -17.01 -0.84 3.31
C ASP A 145 -18.03 -1.42 2.34
N ILE A 146 -17.75 -1.40 1.04
CA ILE A 146 -18.67 -1.97 0.07
C ILE A 146 -18.83 -3.48 0.31
N ALA A 147 -17.73 -4.16 0.64
CA ALA A 147 -17.80 -5.59 0.90
C ALA A 147 -18.65 -5.89 2.13
N PHE A 148 -18.53 -5.06 3.18
CA PHE A 148 -19.36 -5.26 4.37
C PHE A 148 -20.83 -5.03 4.06
N ALA A 149 -21.14 -3.96 3.33
CA ALA A 149 -22.53 -3.68 2.99
C ALA A 149 -23.11 -4.73 2.06
N TYR A 150 -22.29 -5.31 1.18
CA TYR A 150 -22.76 -6.38 0.32
C TYR A 150 -23.14 -7.62 1.12
N GLN A 151 -22.33 -7.96 2.13
CA GLN A 151 -22.66 -9.10 2.97
C GLN A 151 -23.80 -8.79 3.93
N ARG A 152 -23.97 -7.51 4.30
CA ARG A 152 -25.12 -7.11 5.09
C ARG A 152 -26.41 -7.24 4.29
N ARG A 153 -26.35 -6.95 2.98
CA ARG A 153 -27.57 -6.95 2.17
C ARG A 153 -27.88 -8.34 1.64
N THR A 154 -26.91 -8.98 0.98
CA THR A 154 -27.15 -10.24 0.29
C THR A 154 -26.86 -11.47 1.15
N LYS A 155 -26.25 -11.29 2.32
CA LYS A 155 -25.79 -12.40 3.17
C LYS A 155 -24.77 -13.28 2.45
N LYS A 156 -24.11 -12.73 1.44
CA LYS A 156 -23.09 -13.43 0.68
C LYS A 156 -21.84 -12.56 0.58
N GLU A 157 -20.69 -13.21 0.49
CA GLU A 157 -19.43 -12.49 0.39
C GLU A 157 -19.27 -11.88 -1.01
N LEU A 158 -18.91 -10.59 -1.05
CA LEU A 158 -18.72 -9.92 -2.33
C LEU A 158 -17.61 -10.56 -3.14
N ALA A 159 -16.53 -11.01 -2.49
CA ALA A 159 -15.42 -11.58 -3.23
C ALA A 159 -15.85 -12.85 -3.96
N SER A 160 -16.60 -13.73 -3.28
CA SER A 160 -17.07 -14.95 -3.92
C SER A 160 -18.08 -14.64 -5.02
N ALA A 161 -18.96 -13.66 -4.79
CA ALA A 161 -19.94 -13.31 -5.81
C ALA A 161 -19.28 -12.77 -7.06
N LEU A 162 -18.23 -11.95 -6.90
CA LEU A 162 -17.52 -11.45 -8.07
C LEU A 162 -16.66 -12.53 -8.72
N LYS A 163 -16.15 -13.48 -7.93
CA LYS A 163 -15.38 -14.58 -8.50
C LYS A 163 -16.23 -15.44 -9.41
N SER A 164 -17.55 -15.52 -9.17
CA SER A 164 -18.41 -16.31 -10.04
C SER A 164 -18.85 -15.51 -11.26
N ALA A 165 -18.98 -14.19 -11.14
CA ALA A 165 -19.47 -13.39 -12.25
C ALA A 165 -18.36 -13.04 -13.24
N LEU A 166 -17.11 -12.99 -12.78
CA LEU A 166 -16.02 -12.53 -13.61
C LEU A 166 -15.11 -13.70 -13.99
N SER A 167 -14.25 -13.45 -14.95
CA SER A 167 -13.30 -14.47 -15.41
C SER A 167 -12.13 -13.78 -16.08
N GLY A 168 -11.08 -14.55 -16.32
CA GLY A 168 -9.94 -14.05 -17.06
C GLY A 168 -9.08 -13.11 -16.22
N HIS A 169 -8.40 -12.20 -16.92
CA HIS A 169 -7.55 -11.23 -16.24
C HIS A 169 -8.35 -10.18 -15.48
N LEU A 170 -9.59 -9.93 -15.88
CA LEU A 170 -10.41 -8.98 -15.14
C LEU A 170 -10.72 -9.50 -13.73
N GLU A 171 -11.04 -10.78 -13.63
CA GLU A 171 -11.27 -11.39 -12.31
C GLU A 171 -10.04 -11.24 -11.42
N THR A 172 -8.84 -11.41 -11.98
CA THR A 172 -7.62 -11.27 -11.19
C THR A 172 -7.48 -9.86 -10.65
N VAL A 173 -7.71 -8.85 -11.50
CA VAL A 173 -7.61 -7.46 -11.07
C VAL A 173 -8.62 -7.15 -9.97
N ILE A 174 -9.88 -7.49 -10.21
CA ILE A 174 -10.96 -7.12 -9.30
C ILE A 174 -10.79 -7.81 -7.95
N LEU A 175 -10.57 -9.13 -7.97
CA LEU A 175 -10.35 -9.83 -6.71
C LEU A 175 -9.12 -9.30 -5.98
N GLY A 176 -8.14 -8.79 -6.72
CA GLY A 176 -6.99 -8.19 -6.06
C GLY A 176 -7.32 -6.88 -5.37
N LEU A 177 -8.11 -6.03 -6.04
CA LEU A 177 -8.50 -4.75 -5.46
C LEU A 177 -9.33 -4.92 -4.19
N LEU A 178 -10.07 -6.02 -4.06
CA LEU A 178 -10.95 -6.19 -2.91
C LEU A 178 -10.16 -6.49 -1.64
N LYS A 179 -9.05 -7.20 -1.75
CA LYS A 179 -8.25 -7.51 -0.57
C LYS A 179 -7.56 -6.26 -0.05
N THR A 180 -7.37 -6.22 1.27
CA THR A 180 -6.53 -5.19 1.87
C THR A 180 -5.09 -5.36 1.39
N PRO A 181 -4.30 -4.28 1.43
CA PRO A 181 -2.90 -4.38 0.96
C PRO A 181 -2.09 -5.50 1.61
N ALA A 182 -2.21 -5.68 2.93
CA ALA A 182 -1.53 -6.79 3.58
C ALA A 182 -2.08 -8.12 3.11
N GLN A 183 -3.41 -8.25 3.05
CA GLN A 183 -4.01 -9.47 2.55
C GLN A 183 -3.55 -9.79 1.13
N TYR A 184 -3.43 -8.76 0.30
CA TYR A 184 -3.05 -8.98 -1.10
C TYR A 184 -1.60 -9.41 -1.21
N ASP A 185 -0.71 -8.76 -0.48
CA ASP A 185 0.68 -9.17 -0.46
C ASP A 185 0.84 -10.54 0.17
N ALA A 186 0.13 -10.81 1.26
CA ALA A 186 0.22 -12.12 1.91
C ALA A 186 -0.18 -13.24 0.95
N SER A 187 -1.28 -13.05 0.22
CA SER A 187 -1.75 -14.08 -0.70
C SER A 187 -0.89 -14.16 -1.95
N GLU A 188 -0.27 -13.05 -2.36
CA GLU A 188 0.65 -13.11 -3.48
C GLU A 188 1.93 -13.86 -3.11
N LEU A 189 2.41 -13.67 -1.87
CA LEU A 189 3.57 -14.43 -1.40
C LEU A 189 3.25 -15.92 -1.32
N LYS A 190 2.10 -16.25 -0.72
CA LYS A 190 1.68 -17.65 -0.64
C LYS A 190 1.58 -18.27 -2.03
N ALA A 191 0.97 -17.54 -2.98
CA ALA A 191 0.86 -18.05 -4.34
C ALA A 191 2.22 -18.22 -5.01
N SER A 192 3.25 -17.50 -4.53
CA SER A 192 4.56 -17.60 -5.14
C SER A 192 5.33 -18.83 -4.66
N MET A 193 5.02 -19.34 -3.46
CA MET A 193 5.70 -20.51 -2.92
C MET A 193 4.86 -21.79 -3.02
N LYS A 194 3.55 -21.67 -3.17
CA LYS A 194 2.71 -22.86 -3.26
C LYS A 194 2.92 -23.55 -4.60
N GLY A 195 2.92 -24.87 -4.57
CA GLY A 195 3.11 -25.68 -5.77
C GLY A 195 4.53 -26.21 -5.87
N LEU A 196 4.75 -27.01 -6.91
CA LEU A 196 6.05 -27.64 -7.13
C LEU A 196 6.99 -26.61 -7.75
N GLY A 197 7.47 -25.72 -6.91
CA GLY A 197 8.43 -24.72 -7.32
C GLY A 197 8.24 -23.44 -6.52
N THR A 198 8.99 -22.42 -6.94
CA THR A 198 8.89 -21.10 -6.33
C THR A 198 8.96 -20.05 -7.43
N ASP A 199 7.93 -19.20 -7.50
CA ASP A 199 7.95 -18.05 -8.39
C ASP A 199 8.89 -17.02 -7.78
N GLU A 200 10.19 -17.23 -8.00
CA GLU A 200 11.22 -16.39 -7.39
C GLU A 200 11.02 -14.92 -7.75
N ASP A 201 10.65 -14.64 -9.01
CA ASP A 201 10.50 -13.25 -9.42
C ASP A 201 9.40 -12.55 -8.63
N SER A 202 8.29 -13.25 -8.35
CA SER A 202 7.22 -12.64 -7.57
C SER A 202 7.61 -12.48 -6.12
N LEU A 203 8.22 -13.52 -5.52
CA LEU A 203 8.67 -13.44 -4.15
C LEU A 203 9.72 -12.34 -3.98
N ILE A 204 10.62 -12.21 -4.95
CA ILE A 204 11.66 -11.19 -4.85
C ILE A 204 11.05 -9.80 -4.96
N GLU A 205 10.10 -9.61 -5.89
CA GLU A 205 9.50 -8.29 -6.09
C GLU A 205 8.86 -7.76 -4.81
N ILE A 206 8.12 -8.62 -4.10
CA ILE A 206 7.39 -8.15 -2.93
C ILE A 206 8.34 -7.97 -1.74
N ILE A 207 9.19 -8.96 -1.48
CA ILE A 207 10.07 -8.91 -0.32
C ILE A 207 11.05 -7.75 -0.43
N CYS A 208 11.56 -7.49 -1.63
CA CYS A 208 12.57 -6.45 -1.80
C CYS A 208 12.01 -5.04 -1.84
N SER A 209 10.70 -4.87 -2.05
CA SER A 209 10.14 -3.54 -2.24
C SER A 209 9.31 -3.04 -1.06
N ARG A 210 8.87 -3.91 -0.17
CA ARG A 210 8.03 -3.46 0.94
C ARG A 210 8.87 -2.88 2.07
N THR A 211 8.27 -1.93 2.80
CA THR A 211 8.94 -1.26 3.90
C THR A 211 8.81 -2.08 5.18
N ASN A 212 9.44 -1.61 6.26
CA ASN A 212 9.30 -2.25 7.56
C ASN A 212 7.84 -2.35 7.98
N GLN A 213 7.11 -1.23 7.91
N GLN A 213 7.11 -1.22 7.93
CA GLN A 213 5.72 -1.22 8.38
CA GLN A 213 5.72 -1.21 8.37
C GLN A 213 4.85 -2.12 7.52
C GLN A 213 4.86 -2.14 7.52
N GLU A 214 5.07 -2.14 6.20
CA GLU A 214 4.31 -3.03 5.33
C GLU A 214 4.64 -4.49 5.62
N LEU A 215 5.92 -4.81 5.83
CA LEU A 215 6.28 -6.19 6.12
C LEU A 215 5.75 -6.63 7.47
N GLN A 216 5.74 -5.71 8.45
CA GLN A 216 5.26 -6.07 9.78
C GLN A 216 3.80 -6.51 9.73
N GLU A 217 2.98 -5.83 8.94
CA GLU A 217 1.58 -6.22 8.82
C GLU A 217 1.43 -7.47 7.97
N ILE A 218 2.23 -7.62 6.92
CA ILE A 218 2.20 -8.83 6.10
C ILE A 218 2.48 -10.06 6.95
N ASN A 219 3.52 -9.99 7.79
CA ASN A 219 3.86 -11.13 8.63
C ASN A 219 2.71 -11.49 9.57
N ARG A 220 2.06 -10.48 10.15
CA ARG A 220 0.93 -10.75 11.03
C ARG A 220 -0.26 -11.31 10.26
N VAL A 221 -0.58 -10.71 9.11
CA VAL A 221 -1.74 -11.15 8.33
C VAL A 221 -1.47 -12.52 7.70
N TYR A 222 -0.22 -12.80 7.30
CA TYR A 222 0.09 -14.07 6.67
C TYR A 222 -0.17 -15.24 7.59
N LYS A 223 0.04 -15.06 8.90
CA LYS A 223 -0.19 -16.16 9.84
C LYS A 223 -1.67 -16.32 10.16
N GLU A 224 -2.44 -15.23 10.13
CA GLU A 224 -3.88 -15.36 10.32
C GLU A 224 -4.54 -16.09 9.16
N MET A 225 -4.03 -15.87 7.94
CA MET A 225 -4.68 -16.46 6.77
C MET A 225 -4.26 -17.91 6.54
N TYR A 226 -3.03 -18.28 6.90
CA TYR A 226 -2.50 -19.59 6.56
C TYR A 226 -1.99 -20.35 7.78
N LYS A 227 -2.18 -19.83 8.99
CA LYS A 227 -1.84 -20.52 10.24
C LYS A 227 -0.38 -20.95 10.29
N THR A 228 0.47 -20.33 9.48
CA THR A 228 1.90 -20.60 9.48
C THR A 228 2.63 -19.27 9.33
N ASP A 229 3.90 -19.27 9.74
CA ASP A 229 4.71 -18.07 9.63
C ASP A 229 5.28 -17.94 8.23
N LEU A 230 5.22 -16.72 7.69
CA LEU A 230 5.81 -16.46 6.38
C LEU A 230 7.26 -16.90 6.34
N GLU A 231 8.02 -16.65 7.40
CA GLU A 231 9.43 -17.04 7.43
C GLU A 231 9.58 -18.54 7.25
N LYS A 232 8.67 -19.32 7.84
CA LYS A 232 8.73 -20.78 7.73
C LYS A 232 8.44 -21.24 6.31
N ASP A 233 7.48 -20.60 5.64
CA ASP A 233 7.23 -20.95 4.24
C ASP A 233 8.38 -20.55 3.35
N ILE A 234 9.02 -19.42 3.64
CA ILE A 234 10.20 -19.02 2.89
C ILE A 234 11.33 -20.03 3.08
N ILE A 235 11.51 -20.50 4.31
CA ILE A 235 12.57 -21.49 4.59
C ILE A 235 12.26 -22.80 3.89
N SER A 236 10.99 -23.11 3.68
CA SER A 236 10.62 -24.37 3.05
C SER A 236 10.83 -24.37 1.55
N ASP A 237 10.71 -23.20 0.91
CA ASP A 237 10.74 -23.11 -0.54
C ASP A 237 12.05 -22.56 -1.10
N THR A 238 12.99 -22.16 -0.24
CA THR A 238 14.25 -21.60 -0.70
C THR A 238 15.41 -22.33 -0.05
N SER A 239 16.62 -21.99 -0.50
CA SER A 239 17.82 -22.66 0.00
C SER A 239 19.02 -21.76 -0.27
N GLY A 240 20.13 -22.08 0.39
CA GLY A 240 21.38 -21.38 0.17
C GLY A 240 21.33 -19.94 0.66
N ASP A 241 22.17 -19.10 0.05
CA ASP A 241 22.21 -17.69 0.42
C ASP A 241 20.93 -16.98 0.02
N PHE A 242 20.25 -17.46 -1.03
CA PHE A 242 18.97 -16.86 -1.41
C PHE A 242 17.96 -16.96 -0.28
N ARG A 243 17.91 -18.10 0.41
CA ARG A 243 17.08 -18.21 1.60
C ARG A 243 17.50 -17.23 2.68
N LYS A 244 18.82 -17.10 2.91
CA LYS A 244 19.30 -16.19 3.95
C LYS A 244 18.89 -14.75 3.66
N LEU A 245 18.97 -14.34 2.39
CA LEU A 245 18.61 -12.97 2.04
C LEU A 245 17.12 -12.73 2.18
N MET A 246 16.31 -13.67 1.68
CA MET A 246 14.85 -13.51 1.75
C MET A 246 14.36 -13.49 3.19
N VAL A 247 14.84 -14.42 4.02
CA VAL A 247 14.43 -14.44 5.43
C VAL A 247 14.83 -13.14 6.12
N ALA A 248 16.03 -12.64 5.82
CA ALA A 248 16.49 -11.41 6.47
C ALA A 248 15.62 -10.22 6.09
N LEU A 249 15.33 -10.08 4.79
CA LEU A 249 14.49 -8.97 4.35
C LEU A 249 13.06 -9.12 4.85
N ALA A 250 12.49 -10.32 4.78
CA ALA A 250 11.11 -10.52 5.20
C ALA A 250 10.88 -10.18 6.66
N LYS A 251 11.95 -10.08 7.47
CA LYS A 251 11.79 -9.73 8.87
C LYS A 251 11.30 -8.31 9.05
N GLY A 252 11.51 -7.44 8.06
CA GLY A 252 11.08 -6.03 8.16
C GLY A 252 11.55 -5.35 9.43
N ARG A 253 12.83 -5.53 9.78
CA ARG A 253 13.40 -4.88 10.99
C ARG A 253 14.60 -4.04 10.57
N ARG A 254 14.59 -3.49 9.36
CA ARG A 254 15.68 -2.59 8.89
C ARG A 254 15.76 -1.38 9.81
N ALA A 255 16.95 -0.83 10.01
CA ALA A 255 17.11 0.37 10.83
C ALA A 255 16.24 1.50 10.28
N GLU A 256 15.76 2.34 11.17
CA GLU A 256 14.86 3.43 10.73
C GLU A 256 15.69 4.65 10.34
N ASP A 257 15.25 5.31 9.28
CA ASP A 257 15.96 6.53 8.80
C ASP A 257 16.06 7.51 9.96
N GLY A 258 17.25 7.67 10.52
CA GLY A 258 17.45 8.65 11.60
C GLY A 258 17.70 10.04 11.07
N SER A 259 17.98 10.99 11.96
CA SER A 259 18.14 12.40 11.51
C SER A 259 19.62 12.68 11.22
N VAL A 260 20.51 11.82 11.72
CA VAL A 260 21.96 12.08 11.56
C VAL A 260 22.51 11.20 10.45
N ILE A 261 23.46 11.74 9.67
CA ILE A 261 24.10 10.97 8.58
C ILE A 261 25.43 10.43 9.13
N ASP A 262 25.61 9.12 9.14
CA ASP A 262 26.85 8.50 9.67
C ASP A 262 27.87 8.40 8.54
N TYR A 263 28.56 9.51 8.27
CA TYR A 263 29.57 9.55 7.18
C TYR A 263 30.63 8.48 7.42
N GLU A 264 31.01 8.28 8.68
CA GLU A 264 32.07 7.30 8.91
C GLU A 264 31.61 5.90 8.54
N LEU A 265 30.41 5.52 8.99
CA LEU A 265 29.87 4.21 8.64
C LEU A 265 29.56 4.11 7.14
N ILE A 266 29.21 5.22 6.50
CA ILE A 266 28.99 5.20 5.06
C ILE A 266 30.26 4.75 4.33
N ASP A 267 31.41 5.28 4.73
CA ASP A 267 32.66 4.90 4.10
C ASP A 267 33.04 3.46 4.42
N GLN A 268 32.85 3.05 5.68
CA GLN A 268 33.23 1.69 6.06
C GLN A 268 32.34 0.67 5.37
N ASP A 269 31.03 0.94 5.26
CA ASP A 269 30.16 0.03 4.52
C ASP A 269 30.59 -0.07 3.06
N ALA A 270 30.93 1.06 2.44
CA ALA A 270 31.37 1.05 1.05
C ALA A 270 32.65 0.23 0.88
N ARG A 271 33.60 0.38 1.81
CA ARG A 271 34.80 -0.44 1.79
C ARG A 271 34.45 -1.91 1.98
N ASP A 272 33.58 -2.21 2.95
CA ASP A 272 33.24 -3.60 3.24
C ASP A 272 32.49 -4.25 2.09
N LEU A 273 31.63 -3.50 1.40
CA LEU A 273 31.03 -4.04 0.18
C LEU A 273 32.09 -4.34 -0.86
N TYR A 274 33.05 -3.43 -1.03
CA TYR A 274 34.12 -3.63 -2.00
C TYR A 274 35.02 -4.79 -1.59
N ASP A 275 35.43 -4.85 -0.32
CA ASP A 275 36.33 -5.91 0.13
C ASP A 275 35.69 -7.28 0.01
N ALA A 276 34.39 -7.37 0.25
CA ALA A 276 33.69 -8.65 0.24
C ALA A 276 33.29 -9.11 -1.15
N GLY A 277 33.45 -8.26 -2.17
CA GLY A 277 32.99 -8.60 -3.50
C GLY A 277 34.06 -8.61 -4.58
N VAL A 278 34.17 -7.51 -5.33
CA VAL A 278 35.03 -7.50 -6.51
C VAL A 278 36.51 -7.34 -6.20
N LYS A 279 36.88 -7.07 -4.94
CA LYS A 279 38.29 -7.01 -4.60
C LYS A 279 38.88 -8.39 -4.40
N ARG A 280 38.10 -9.32 -3.85
CA ARG A 280 38.55 -10.68 -3.60
C ARG A 280 38.03 -11.61 -4.69
N LYS A 281 38.55 -12.83 -4.67
CA LYS A 281 37.95 -13.92 -5.45
C LYS A 281 36.86 -14.57 -4.61
N GLY A 282 35.74 -14.90 -5.25
CA GLY A 282 34.58 -15.31 -4.52
C GLY A 282 33.88 -14.12 -3.91
N THR A 283 32.95 -14.40 -3.00
CA THR A 283 32.14 -13.34 -2.41
C THR A 283 31.83 -13.69 -0.96
N ASP A 284 32.02 -12.72 -0.07
CA ASP A 284 31.55 -12.83 1.30
C ASP A 284 30.09 -12.40 1.32
N VAL A 285 29.22 -13.37 0.97
CA VAL A 285 27.80 -13.09 0.83
C VAL A 285 27.16 -12.66 2.14
N PRO A 286 27.49 -13.26 3.30
CA PRO A 286 26.92 -12.75 4.56
C PRO A 286 27.17 -11.26 4.78
N LYS A 287 28.38 -10.79 4.47
CA LYS A 287 28.68 -9.37 4.64
C LYS A 287 27.78 -8.49 3.79
N TRP A 288 27.47 -8.95 2.57
CA TRP A 288 26.56 -8.21 1.71
C TRP A 288 25.13 -8.24 2.25
N ILE A 289 24.69 -9.39 2.77
CA ILE A 289 23.33 -9.50 3.30
C ILE A 289 23.18 -8.60 4.53
N SER A 290 24.17 -8.62 5.42
CA SER A 290 24.09 -7.83 6.65
C SER A 290 23.97 -6.35 6.35
N ILE A 291 24.84 -5.83 5.49
CA ILE A 291 24.85 -4.40 5.20
C ILE A 291 23.57 -3.98 4.48
N MET A 292 23.17 -4.73 3.46
CA MET A 292 22.06 -4.28 2.62
C MET A 292 20.69 -4.54 3.24
N THR A 293 20.58 -5.36 4.30
CA THR A 293 19.31 -5.58 4.96
C THR A 293 19.13 -4.80 6.25
N GLU A 294 20.23 -4.37 6.88
CA GLU A 294 20.15 -3.74 8.20
C GLU A 294 20.28 -2.22 8.16
N ARG A 295 21.03 -1.67 7.22
CA ARG A 295 21.16 -0.22 7.15
C ARG A 295 19.88 0.41 6.62
N SER A 296 19.63 1.64 7.06
CA SER A 296 18.48 2.37 6.56
C SER A 296 18.64 2.65 5.07
N VAL A 297 17.51 2.85 4.39
CA VAL A 297 17.53 3.15 2.97
C VAL A 297 18.31 4.42 2.66
N PRO A 298 18.08 5.57 3.31
CA PRO A 298 18.89 6.76 3.00
C PRO A 298 20.37 6.54 3.24
N HIS A 299 20.74 5.69 4.21
CA HIS A 299 22.14 5.39 4.42
C HIS A 299 22.72 4.58 3.26
N LEU A 300 21.98 3.58 2.76
CA LEU A 300 22.51 2.73 1.71
C LEU A 300 22.58 3.46 0.37
N GLN A 301 21.73 4.47 0.15
CA GLN A 301 21.86 5.28 -1.05
C GLN A 301 23.19 6.03 -1.06
N LYS A 302 23.65 6.50 0.11
CA LYS A 302 24.94 7.17 0.18
C LYS A 302 26.10 6.18 0.16
N VAL A 303 25.89 4.98 0.71
CA VAL A 303 26.89 3.93 0.62
C VAL A 303 27.15 3.54 -0.84
N PHE A 304 26.10 3.52 -1.67
CA PHE A 304 26.28 3.11 -3.06
C PHE A 304 26.97 4.18 -3.88
N ASP A 305 26.86 5.45 -3.50
CA ASP A 305 27.65 6.48 -4.16
C ASP A 305 29.10 6.45 -3.66
N ARG A 306 29.30 6.18 -2.37
CA ARG A 306 30.65 6.04 -1.85
C ARG A 306 31.32 4.78 -2.38
N TYR A 307 30.53 3.74 -2.68
CA TYR A 307 31.08 2.53 -3.27
C TYR A 307 31.75 2.80 -4.61
N LYS A 308 31.17 3.69 -5.43
CA LYS A 308 31.75 4.02 -6.72
C LYS A 308 33.08 4.75 -6.61
N SER A 309 33.42 5.24 -5.42
CA SER A 309 34.73 5.85 -5.23
C SER A 309 35.83 4.80 -5.12
N TYR A 310 35.49 3.62 -4.59
CA TYR A 310 36.44 2.53 -4.44
C TYR A 310 36.39 1.54 -5.60
N SER A 311 35.21 1.33 -6.18
CA SER A 311 35.03 0.32 -7.22
C SER A 311 34.95 0.97 -8.59
N PRO A 312 35.49 0.31 -9.62
CA PRO A 312 35.29 0.81 -10.99
C PRO A 312 33.91 0.48 -11.55
N TYR A 313 33.15 -0.41 -10.91
CA TYR A 313 31.79 -0.73 -11.29
C TYR A 313 30.83 -0.34 -10.17
N ASP A 314 29.63 0.10 -10.54
CA ASP A 314 28.67 0.46 -9.50
C ASP A 314 28.09 -0.80 -8.85
N MET A 315 27.21 -0.60 -7.87
CA MET A 315 26.72 -1.73 -7.08
C MET A 315 25.99 -2.74 -7.95
N LEU A 316 25.16 -2.25 -8.88
CA LEU A 316 24.43 -3.15 -9.77
C LEU A 316 25.37 -3.95 -10.67
N GLU A 317 26.30 -3.25 -11.34
CA GLU A 317 27.29 -3.92 -12.19
C GLU A 317 28.11 -4.92 -11.38
N SER A 318 28.45 -4.58 -10.13
CA SER A 318 29.24 -5.49 -9.31
C SER A 318 28.47 -6.76 -9.01
N ILE A 319 27.15 -6.63 -8.80
CA ILE A 319 26.32 -7.80 -8.52
C ILE A 319 26.33 -8.77 -9.70
N ARG A 320 26.26 -8.22 -10.92
CA ARG A 320 26.23 -9.09 -12.10
C ARG A 320 27.55 -9.83 -12.28
N LYS A 321 28.64 -9.26 -11.82
CA LYS A 321 29.94 -9.92 -11.89
C LYS A 321 30.17 -10.90 -10.75
N GLU A 322 29.50 -10.72 -9.62
CA GLU A 322 29.80 -11.49 -8.42
C GLU A 322 28.89 -12.70 -8.23
N VAL A 323 27.59 -12.58 -8.44
CA VAL A 323 26.64 -13.65 -8.14
C VAL A 323 25.80 -13.95 -9.38
N LYS A 324 25.09 -15.08 -9.31
CA LYS A 324 24.28 -15.56 -10.43
C LYS A 324 22.94 -16.07 -9.89
N GLY A 325 22.07 -16.44 -10.83
CA GLY A 325 20.83 -17.12 -10.46
C GLY A 325 19.90 -16.25 -9.63
N ASP A 326 19.23 -16.89 -8.67
CA ASP A 326 18.23 -16.22 -7.85
C ASP A 326 18.86 -15.23 -6.87
N LEU A 327 20.07 -15.51 -6.39
CA LEU A 327 20.76 -14.56 -5.53
C LEU A 327 21.07 -13.26 -6.27
N GLU A 328 21.56 -13.38 -7.51
CA GLU A 328 21.83 -12.20 -8.32
C GLU A 328 20.55 -11.40 -8.56
N ASN A 329 19.48 -12.09 -8.97
CA ASN A 329 18.22 -11.40 -9.23
C ASN A 329 17.72 -10.68 -7.98
N ALA A 330 17.84 -11.32 -6.81
CA ALA A 330 17.41 -10.71 -5.57
C ALA A 330 18.20 -9.44 -5.26
N PHE A 331 19.53 -9.52 -5.33
CA PHE A 331 20.33 -8.33 -5.05
C PHE A 331 20.06 -7.22 -6.06
N LEU A 332 19.94 -7.56 -7.34
CA LEU A 332 19.66 -6.53 -8.34
C LEU A 332 18.32 -5.84 -8.07
N ASN A 333 17.31 -6.62 -7.66
CA ASN A 333 16.02 -6.01 -7.30
C ASN A 333 16.16 -5.16 -6.05
N LEU A 334 16.86 -5.67 -5.03
CA LEU A 334 16.98 -4.95 -3.76
C LEU A 334 17.67 -3.60 -3.97
N VAL A 335 18.78 -3.58 -4.71
CA VAL A 335 19.51 -2.34 -4.91
C VAL A 335 18.66 -1.33 -5.67
N GLN A 336 17.87 -1.79 -6.64
CA GLN A 336 17.00 -0.86 -7.37
C GLN A 336 15.94 -0.26 -6.45
N CYS A 337 15.36 -1.08 -5.57
CA CYS A 337 14.38 -0.57 -4.62
C CYS A 337 15.01 0.41 -3.64
N ILE A 338 16.27 0.19 -3.27
CA ILE A 338 16.96 1.13 -2.39
C ILE A 338 17.21 2.45 -3.11
N GLN A 339 17.66 2.38 -4.37
CA GLN A 339 18.06 3.58 -5.11
C GLN A 339 16.84 4.39 -5.54
N ASN A 340 15.90 3.76 -6.25
CA ASN A 340 14.75 4.50 -6.78
C ASN A 340 13.61 3.49 -6.94
N LYS A 341 12.81 3.35 -5.90
CA LYS A 341 11.71 2.39 -5.93
C LYS A 341 10.69 2.67 -7.02
N PRO A 342 10.23 3.91 -7.26
CA PRO A 342 9.28 4.09 -8.37
C PRO A 342 9.86 3.72 -9.73
N LEU A 343 11.13 4.04 -9.98
CA LEU A 343 11.77 3.63 -11.22
C LEU A 343 11.87 2.11 -11.33
N TYR A 344 12.09 1.43 -10.21
CA TYR A 344 12.10 -0.02 -10.21
C TYR A 344 10.77 -0.57 -10.75
N PHE A 345 9.65 -0.01 -10.28
CA PHE A 345 8.36 -0.50 -10.77
C PHE A 345 8.10 -0.04 -12.20
N ALA A 346 8.56 1.16 -12.58
CA ALA A 346 8.45 1.58 -13.97
C ALA A 346 9.16 0.60 -14.89
N ASP A 347 10.35 0.14 -14.50
CA ASP A 347 11.09 -0.83 -15.32
C ASP A 347 10.39 -2.18 -15.36
N ARG A 348 9.90 -2.66 -14.21
CA ARG A 348 9.17 -3.93 -14.20
C ARG A 348 7.91 -3.85 -15.04
N LEU A 349 7.19 -2.73 -14.96
CA LEU A 349 6.02 -2.55 -15.82
C LEU A 349 6.40 -2.61 -17.29
N TYR A 350 7.51 -1.96 -17.66
CA TYR A 350 7.96 -2.00 -19.05
C TYR A 350 8.26 -3.44 -19.47
N ASP A 351 9.06 -4.15 -18.68
CA ASP A 351 9.41 -5.53 -19.01
C ASP A 351 8.17 -6.41 -19.16
N SER A 352 7.13 -6.16 -18.37
CA SER A 352 5.92 -6.98 -18.43
C SER A 352 5.15 -6.77 -19.73
N MET A 353 5.41 -5.67 -20.44
CA MET A 353 4.65 -5.36 -21.65
C MET A 353 5.49 -5.18 -22.89
N LYS A 354 6.80 -4.95 -22.77
CA LYS A 354 7.60 -4.55 -23.91
C LYS A 354 7.58 -5.60 -25.01
N GLY A 355 7.63 -6.88 -24.65
CA GLY A 355 7.81 -7.95 -25.60
C GLY A 355 6.50 -8.57 -26.05
N LYS A 356 6.62 -9.77 -26.63
CA LYS A 356 5.46 -10.49 -27.12
C LYS A 356 4.49 -10.78 -25.97
N GLY A 357 3.21 -10.56 -26.23
CA GLY A 357 2.21 -10.80 -25.20
C GLY A 357 2.43 -9.90 -24.00
N THR A 358 1.96 -10.38 -22.85
CA THR A 358 2.00 -9.60 -21.62
C THR A 358 2.28 -10.50 -20.43
N ARG A 359 3.11 -10.02 -19.51
CA ARG A 359 3.31 -10.69 -18.22
C ARG A 359 2.24 -10.18 -17.26
N ASP A 360 1.01 -10.69 -17.47
CA ASP A 360 -0.16 -10.10 -16.82
C ASP A 360 -0.08 -10.19 -15.30
N LYS A 361 0.44 -11.29 -14.76
CA LYS A 361 0.50 -11.42 -13.31
C LYS A 361 1.34 -10.31 -12.69
N VAL A 362 2.42 -9.93 -13.37
CA VAL A 362 3.26 -8.84 -12.90
C VAL A 362 2.58 -7.50 -13.11
N LEU A 363 2.05 -7.28 -14.31
CA LEU A 363 1.37 -6.00 -14.60
C LEU A 363 0.22 -5.77 -13.64
N ILE A 364 -0.61 -6.79 -13.39
CA ILE A 364 -1.75 -6.64 -12.49
C ILE A 364 -1.29 -6.36 -11.06
N ARG A 365 -0.29 -7.10 -10.58
CA ARG A 365 0.12 -6.96 -9.18
C ARG A 365 0.63 -5.56 -8.90
N ILE A 366 1.42 -4.98 -9.82
CA ILE A 366 1.96 -3.65 -9.62
C ILE A 366 0.84 -2.60 -9.68
N MET A 367 -0.05 -2.72 -10.66
CA MET A 367 -1.11 -1.71 -10.80
C MET A 367 -2.04 -1.71 -9.61
N VAL A 368 -2.23 -2.86 -8.95
CA VAL A 368 -3.10 -2.92 -7.77
C VAL A 368 -2.36 -2.43 -6.53
N SER A 369 -1.14 -2.93 -6.30
CA SER A 369 -0.48 -2.70 -5.02
C SER A 369 0.09 -1.29 -4.89
N ARG A 370 0.49 -0.67 -5.99
CA ARG A 370 1.06 0.67 -5.93
C ARG A 370 0.07 1.77 -6.29
N SER A 371 -1.19 1.43 -6.56
CA SER A 371 -2.16 2.44 -6.99
C SER A 371 -2.41 3.49 -5.92
N GLU A 372 -2.24 3.14 -4.64
CA GLU A 372 -2.45 4.08 -3.55
C GLU A 372 -1.15 4.39 -2.80
N VAL A 373 0.00 4.08 -3.40
CA VAL A 373 1.27 4.34 -2.74
C VAL A 373 2.06 5.38 -3.54
N ASP A 374 2.51 5.00 -4.75
CA ASP A 374 3.40 5.88 -5.49
C ASP A 374 3.22 5.76 -7.00
N MET A 375 2.01 5.43 -7.45
CA MET A 375 1.77 5.26 -8.88
C MET A 375 2.09 6.52 -9.67
N LEU A 376 1.85 7.70 -9.09
CA LEU A 376 2.15 8.95 -9.77
C LEU A 376 3.66 9.11 -9.98
N LYS A 377 4.47 8.65 -9.03
CA LYS A 377 5.91 8.70 -9.22
C LYS A 377 6.37 7.68 -10.24
N ILE A 378 5.78 6.49 -10.22
CA ILE A 378 6.07 5.48 -11.23
C ILE A 378 5.78 6.02 -12.62
N ARG A 379 4.67 6.76 -12.78
CA ARG A 379 4.30 7.27 -14.08
C ARG A 379 5.28 8.35 -14.56
N SER A 380 5.77 9.17 -13.64
CA SER A 380 6.79 10.17 -14.01
C SER A 380 8.07 9.49 -14.48
N GLU A 381 8.55 8.50 -13.72
CA GLU A 381 9.74 7.76 -14.13
C GLU A 381 9.52 7.05 -15.46
N PHE A 382 8.36 6.43 -15.63
CA PHE A 382 8.06 5.73 -16.87
C PHE A 382 8.06 6.67 -18.07
N LYS A 383 7.31 7.78 -17.97
CA LYS A 383 7.22 8.72 -19.07
C LYS A 383 8.58 9.30 -19.43
N ARG A 384 9.34 9.72 -18.41
CA ARG A 384 10.65 10.32 -18.64
C ARG A 384 11.59 9.34 -19.32
N LYS A 385 11.57 8.07 -18.91
CA LYS A 385 12.55 7.12 -19.42
C LYS A 385 12.14 6.58 -20.79
N TYR A 386 10.90 6.14 -20.94
CA TYR A 386 10.49 5.46 -22.16
C TYR A 386 9.85 6.40 -23.19
N GLY A 387 9.63 7.66 -22.84
CA GLY A 387 9.18 8.65 -23.81
C GLY A 387 7.67 8.75 -23.96
N LYS A 388 6.94 7.67 -23.73
CA LYS A 388 5.49 7.68 -23.70
C LYS A 388 5.01 7.15 -22.35
N SER A 389 3.72 7.35 -22.08
CA SER A 389 3.16 7.13 -20.76
C SER A 389 2.87 5.66 -20.51
N LEU A 390 2.87 5.29 -19.23
CA LEU A 390 2.39 3.99 -18.80
C LEU A 390 1.00 3.71 -19.33
N TYR A 391 0.12 4.70 -19.25
CA TYR A 391 -1.22 4.61 -19.83
C TYR A 391 -1.16 4.11 -21.27
N TYR A 392 -0.30 4.74 -22.07
CA TYR A 392 -0.17 4.38 -23.48
C TYR A 392 0.25 2.92 -23.66
N TYR A 393 1.21 2.44 -22.85
CA TYR A 393 1.68 1.06 -23.00
C TYR A 393 0.61 0.06 -22.56
N ILE A 394 -0.19 0.40 -21.55
CA ILE A 394 -1.30 -0.46 -21.16
C ILE A 394 -2.31 -0.56 -22.30
N GLN A 395 -2.54 0.54 -23.01
CA GLN A 395 -3.51 0.54 -24.11
C GLN A 395 -3.13 -0.47 -25.18
N GLN A 396 -1.84 -0.49 -25.57
CA GLN A 396 -1.41 -1.38 -26.65
C GLN A 396 -1.37 -2.84 -26.23
N ASP A 397 -1.22 -3.12 -24.94
CA ASP A 397 -0.98 -4.48 -24.51
C ASP A 397 -2.21 -5.20 -23.96
N THR A 398 -3.23 -4.46 -23.52
CA THR A 398 -4.44 -5.06 -22.97
C THR A 398 -5.65 -4.52 -23.71
N LYS A 399 -6.75 -5.27 -23.63
CA LYS A 399 -7.99 -4.90 -24.33
C LYS A 399 -9.18 -5.11 -23.41
N GLY A 400 -10.32 -4.60 -23.84
CA GLY A 400 -11.59 -4.86 -23.18
C GLY A 400 -11.72 -4.20 -21.82
N ASP A 401 -12.65 -4.74 -21.02
CA ASP A 401 -12.85 -4.24 -19.67
C ASP A 401 -11.59 -4.43 -18.83
N TYR A 402 -10.79 -5.45 -19.13
CA TYR A 402 -9.50 -5.63 -18.46
C TYR A 402 -8.62 -4.39 -18.64
N GLN A 403 -8.49 -3.91 -19.87
CA GLN A 403 -7.74 -2.69 -20.13
C GLN A 403 -8.31 -1.51 -19.35
N LYS A 404 -9.63 -1.31 -19.43
CA LYS A 404 -10.24 -0.15 -18.79
C LYS A 404 -9.96 -0.14 -17.29
N ALA A 405 -10.03 -1.30 -16.64
CA ALA A 405 -9.73 -1.39 -15.21
C ALA A 405 -8.28 -0.99 -14.93
N LEU A 406 -7.33 -1.45 -15.75
CA LEU A 406 -5.93 -1.06 -15.57
C LEU A 406 -5.73 0.41 -15.86
N LEU A 407 -6.42 0.95 -16.86
CA LEU A 407 -6.32 2.38 -17.13
C LEU A 407 -6.82 3.20 -15.96
N TYR A 408 -7.91 2.74 -15.32
CA TYR A 408 -8.41 3.44 -14.15
C TYR A 408 -7.41 3.38 -13.00
N LEU A 409 -6.76 2.23 -12.81
CA LEU A 409 -5.74 2.13 -11.76
C LEU A 409 -4.51 2.96 -12.11
N CYS A 410 -4.23 3.14 -13.40
CA CYS A 410 -3.14 4.01 -13.80
C CYS A 410 -3.44 5.46 -13.43
N GLY A 411 -4.70 5.88 -13.59
CA GLY A 411 -5.14 7.21 -13.23
C GLY A 411 -5.23 8.18 -14.39
N GLY A 412 -4.51 7.95 -15.46
CA GLY A 412 -4.58 8.83 -16.62
C GLY A 412 -3.27 8.84 -17.38
N ASP A 413 -3.19 9.78 -18.31
CA ASP A 413 -2.08 9.88 -19.24
C ASP A 413 -0.93 10.66 -18.63
N ASP A 414 0.28 10.37 -19.10
CA ASP A 414 1.53 10.89 -18.56
C ASP A 414 1.71 10.57 -17.06
N PHE B 5 -11.55 1.34 21.78
CA PHE B 5 -12.95 0.93 21.71
C PHE B 5 -13.86 1.92 22.45
N ARG B 6 -13.27 2.86 23.18
CA ARG B 6 -14.05 3.82 23.96
C ARG B 6 -14.75 4.80 23.03
N GLU B 7 -16.09 4.74 22.99
CA GLU B 7 -16.87 5.41 21.97
C GLU B 7 -18.09 6.09 22.58
N THR B 8 -18.13 7.42 22.50
CA THR B 8 -19.22 8.20 23.06
C THR B 8 -19.93 9.00 21.98
N GLU B 9 -21.26 8.96 21.99
CA GLU B 9 -22.07 9.70 21.02
C GLU B 9 -22.36 11.11 21.54
N VAL B 10 -22.10 12.10 20.70
CA VAL B 10 -22.37 13.50 21.04
C VAL B 10 -23.06 14.21 19.87
CA CA C . -20.51 -9.74 -20.15
CA CA D . -14.92 -17.04 -12.55
CA CA E . 6.77 -24.76 -3.55
CA CA F . 34.79 -11.68 -6.17
CA CA G . 3.47 -6.73 -25.15
C1 EDO H . 12.71 -1.33 0.77
O1 EDO H . 12.46 -2.07 -0.42
C2 EDO H . 14.19 -1.47 1.15
O2 EDO H . 14.49 -2.85 1.35
C1 EDO I . 11.59 1.39 5.18
O1 EDO I . 11.31 0.77 6.44
C2 EDO I . 12.73 0.66 4.47
O2 EDO I . 12.39 -0.71 4.24
#